data_7PRL
#
_entry.id   7PRL
#
_cell.length_a   95.900
_cell.length_b   141.210
_cell.length_c   68.520
_cell.angle_alpha   90.000
_cell.angle_beta   90.000
_cell.angle_gamma   90.000
#
_symmetry.space_group_name_H-M   'C 2 2 21'
#
loop_
_entity.id
_entity.type
_entity.pdbx_description
1 polymer Mucin-2
2 non-polymer 2-acetamido-2-deoxy-beta-D-glucopyranose
3 non-polymer GLYCEROL
4 non-polymer 'COPPER (II) ION'
5 water water
#
_entity_poly.entity_id   1
_entity_poly.type   'polypeptide(L)'
_entity_poly.pdbx_seq_one_letter_code
;MGLPLARLAAVCLALSLAGGSELQTEGRTRNHGHNVCSTWGNFHYKTFDGDVFRFPGLCDYNFASDCRGSYKEFAVHLKR
GPGQAEAPAGVESILLTIKDDTIYLTRHLAVLNGAVVSTPHYSPGLLIEKSDAYTKVYSRAGLTLMWNREDALMLELDTK
FRNHTCGLCGDYNGLQSYSEFLSDGVLFSPLEFGNMQKINQPDVVCEDPEEEVAPASCSEHRAECERLLTAEAFADCQDL
VPLEPYLRACQQDRCRCPGGDTCVCSTVAEFSRQCSHAGGRPGNWRTATLCPKTCPGNLVYLESGSPCMDTCSHLEVSSL
CEEHRMDGCFCPEGTVYDDIGDSGCVPVSQCHCRLHGHLYTPGQEITNDCEQCVCNAGRWVCKDLPCPGHHHHHH
;
_entity_poly.pdbx_strand_id   A
#
# COMPACT_ATOMS: atom_id res chain seq x y z
N ASN A 31 -7.88 5.86 16.81
CA ASN A 31 -8.21 5.11 18.02
C ASN A 31 -8.67 3.67 17.70
N HIS A 32 -8.60 3.26 16.43
CA HIS A 32 -8.96 1.91 16.02
C HIS A 32 -8.02 1.46 14.91
N GLY A 33 -7.35 0.33 15.12
CA GLY A 33 -6.29 -0.12 14.25
C GLY A 33 -6.76 -1.10 13.18
N HIS A 34 -5.78 -1.61 12.45
CA HIS A 34 -6.04 -2.57 11.39
C HIS A 34 -5.03 -3.71 11.52
N ASN A 35 -5.33 -4.82 10.84
CA ASN A 35 -4.46 -6.00 10.84
C ASN A 35 -3.74 -6.03 9.50
N VAL A 36 -2.47 -5.67 9.52
CA VAL A 36 -1.77 -5.34 8.29
C VAL A 36 -0.56 -6.24 8.14
N CYS A 37 -0.32 -6.65 6.90
CA CYS A 37 0.92 -7.24 6.47
CA CYS A 37 0.95 -7.21 6.51
C CYS A 37 1.51 -6.32 5.41
N SER A 38 2.84 -6.25 5.36
N SER A 38 2.83 -6.28 5.31
CA SER A 38 3.49 -5.17 4.61
CA SER A 38 3.45 -5.23 4.55
C SER A 38 4.86 -5.63 4.13
C SER A 38 4.81 -5.68 4.06
N THR A 39 5.34 -4.95 3.08
CA THR A 39 6.72 -5.10 2.65
C THR A 39 7.23 -3.71 2.29
N TRP A 40 8.52 -3.48 2.51
CA TRP A 40 9.08 -2.17 2.24
C TRP A 40 10.58 -2.25 2.11
N GLY A 41 11.14 -1.27 1.41
CA GLY A 41 12.56 -1.00 1.53
C GLY A 41 13.43 -2.08 0.92
N ASN A 42 14.50 -2.43 1.63
CA ASN A 42 15.42 -3.46 1.17
C ASN A 42 14.90 -4.84 1.56
N PHE A 43 13.79 -5.23 0.91
CA PHE A 43 13.20 -6.58 0.99
C PHE A 43 12.69 -6.94 2.40
N HIS A 44 12.23 -5.98 3.20
CA HIS A 44 11.68 -6.31 4.51
C HIS A 44 10.22 -6.71 4.37
N TYR A 45 9.81 -7.74 5.13
CA TYR A 45 8.42 -8.14 5.20
C TYR A 45 7.94 -8.13 6.65
N LYS A 46 6.63 -7.99 6.82
CA LYS A 46 6.00 -8.00 8.14
C LYS A 46 4.71 -8.78 8.05
N THR A 47 4.59 -9.87 8.82
CA THR A 47 3.39 -10.71 8.76
C THR A 47 2.25 -10.04 9.51
N PHE A 48 1.04 -10.55 9.27
CA PHE A 48 -0.11 -10.20 10.10
C PHE A 48 0.20 -10.34 11.58
N ASP A 49 0.96 -11.35 11.97
CA ASP A 49 1.23 -11.59 13.38
C ASP A 49 2.47 -10.89 13.88
N GLY A 50 3.08 -10.02 13.07
CA GLY A 50 4.13 -9.16 13.57
C GLY A 50 5.54 -9.64 13.40
N ASP A 51 5.77 -10.75 12.71
CA ASP A 51 7.14 -11.15 12.40
C ASP A 51 7.70 -10.25 11.29
N VAL A 52 8.92 -9.77 11.47
CA VAL A 52 9.61 -8.97 10.46
C VAL A 52 10.85 -9.72 10.03
N PHE A 53 10.93 -10.06 8.73
CA PHE A 53 12.07 -10.74 8.16
C PHE A 53 12.46 -10.11 6.82
N ARG A 54 13.68 -10.42 6.39
CA ARG A 54 14.20 -10.02 5.10
C ARG A 54 14.20 -11.19 4.13
N PHE A 55 13.65 -11.00 2.95
CA PHE A 55 13.61 -12.03 1.92
C PHE A 55 13.92 -11.41 0.58
N PRO A 56 15.12 -11.62 0.00
CA PRO A 56 15.48 -10.91 -1.24
C PRO A 56 15.14 -11.65 -2.53
N GLY A 57 14.02 -12.35 -2.60
CA GLY A 57 13.66 -13.06 -3.84
C GLY A 57 13.13 -12.10 -4.90
N LEU A 58 13.48 -12.39 -6.16
CA LEU A 58 13.20 -11.50 -7.29
C LEU A 58 12.14 -12.05 -8.22
N CYS A 59 11.45 -13.10 -7.80
CA CYS A 59 10.50 -13.79 -8.66
C CYS A 59 9.06 -13.39 -8.29
N ASP A 60 8.12 -14.27 -8.60
CA ASP A 60 6.71 -14.09 -8.32
C ASP A 60 6.34 -14.90 -7.08
N TYR A 61 5.65 -14.27 -6.11
CA TYR A 61 5.35 -14.93 -4.85
C TYR A 61 3.88 -14.83 -4.48
N ASN A 62 3.42 -15.83 -3.72
CA ASN A 62 2.14 -15.69 -3.05
C ASN A 62 2.32 -14.78 -1.84
N PHE A 63 1.78 -13.55 -1.94
CA PHE A 63 1.82 -12.61 -0.82
C PHE A 63 0.83 -13.02 0.26
N ALA A 64 -0.42 -13.28 -0.11
CA ALA A 64 -1.48 -13.60 0.83
C ALA A 64 -2.68 -14.18 0.09
N SER A 65 -3.27 -15.25 0.65
CA SER A 65 -4.32 -16.04 0.00
C SER A 65 -5.30 -16.57 1.02
N ASP A 66 -6.55 -16.73 0.59
CA ASP A 66 -7.53 -17.45 1.41
C ASP A 66 -7.48 -18.94 1.06
N CYS A 67 -6.39 -19.56 1.50
CA CYS A 67 -6.12 -20.96 1.19
C CYS A 67 -6.89 -21.94 2.08
N ARG A 68 -7.50 -21.49 3.17
CA ARG A 68 -8.30 -22.38 4.02
C ARG A 68 -9.79 -22.18 3.89
N GLY A 69 -10.24 -21.12 3.23
CA GLY A 69 -11.66 -20.96 3.00
C GLY A 69 -12.23 -22.16 2.25
N SER A 70 -13.43 -22.57 2.66
CA SER A 70 -14.19 -23.54 1.85
C SER A 70 -14.52 -22.97 0.48
N TYR A 71 -14.63 -21.64 0.38
CA TYR A 71 -14.59 -20.92 -0.89
C TYR A 71 -13.46 -19.89 -0.80
N LYS A 72 -12.54 -19.94 -1.75
CA LYS A 72 -11.38 -19.05 -1.74
C LYS A 72 -11.81 -17.64 -2.14
N GLU A 73 -11.67 -16.70 -1.22
CA GLU A 73 -12.20 -15.35 -1.42
C GLU A 73 -11.20 -14.39 -2.06
N PHE A 74 -9.91 -14.64 -1.92
CA PHE A 74 -8.94 -13.73 -2.52
C PHE A 74 -7.58 -14.41 -2.67
N ALA A 75 -6.76 -13.87 -3.57
CA ALA A 75 -5.34 -14.18 -3.61
C ALA A 75 -4.59 -12.94 -4.07
N VAL A 76 -3.43 -12.70 -3.46
CA VAL A 76 -2.58 -11.56 -3.81
C VAL A 76 -1.19 -12.09 -4.13
N HIS A 77 -0.73 -11.83 -5.34
CA HIS A 77 0.57 -12.28 -5.80
C HIS A 77 1.44 -11.06 -6.08
N LEU A 78 2.69 -11.16 -5.68
CA LEU A 78 3.63 -10.05 -5.76
C LEU A 78 4.78 -10.46 -6.66
N LYS A 79 4.91 -9.81 -7.81
CA LYS A 79 6.06 -9.99 -8.68
C LYS A 79 7.09 -8.93 -8.33
N ARG A 80 8.25 -9.37 -7.85
CA ARG A 80 9.33 -8.46 -7.49
C ARG A 80 10.07 -7.90 -8.71
N GLY A 81 10.55 -8.78 -9.59
CA GLY A 81 11.36 -8.38 -10.73
C GLY A 81 12.75 -7.90 -10.36
N PRO A 82 13.58 -7.63 -11.38
CA PRO A 82 14.95 -7.16 -11.13
C PRO A 82 14.97 -5.72 -10.62
N GLY A 83 16.08 -5.36 -9.98
CA GLY A 83 16.14 -4.04 -9.40
C GLY A 83 17.52 -3.69 -8.92
N GLN A 84 17.61 -2.54 -8.27
CA GLN A 84 18.89 -1.94 -7.93
C GLN A 84 19.33 -2.35 -6.53
N ALA A 85 20.57 -2.79 -6.40
CA ALA A 85 21.11 -3.16 -5.11
C ALA A 85 21.47 -1.92 -4.29
N GLU A 86 21.56 -2.10 -2.97
CA GLU A 86 21.91 -1.05 -2.01
C GLU A 86 20.96 0.14 -2.12
N ALA A 87 19.70 -0.16 -2.43
CA ALA A 87 18.61 0.78 -2.52
C ALA A 87 17.32 0.01 -2.29
N PRO A 88 16.24 0.68 -1.86
CA PRO A 88 14.97 -0.02 -1.69
C PRO A 88 14.59 -0.81 -2.96
N ALA A 89 13.94 -1.95 -2.74
CA ALA A 89 13.69 -2.89 -3.84
C ALA A 89 12.41 -2.54 -4.58
N GLY A 90 12.43 -2.71 -5.90
CA GLY A 90 11.26 -2.42 -6.70
C GLY A 90 10.22 -3.52 -6.64
N VAL A 91 9.01 -3.16 -7.03
CA VAL A 91 7.91 -4.11 -7.26
C VAL A 91 7.44 -3.91 -8.69
N GLU A 92 7.55 -4.96 -9.51
CA GLU A 92 7.14 -4.89 -10.91
C GLU A 92 5.62 -4.86 -11.07
N SER A 93 4.91 -5.78 -10.43
CA SER A 93 3.47 -5.81 -10.62
C SER A 93 2.81 -6.49 -9.42
N ILE A 94 1.50 -6.34 -9.36
CA ILE A 94 0.68 -7.01 -8.36
C ILE A 94 -0.51 -7.62 -9.08
N LEU A 95 -0.84 -8.86 -8.72
CA LEU A 95 -2.01 -9.53 -9.28
C LEU A 95 -2.97 -9.85 -8.15
N LEU A 96 -4.19 -9.32 -8.25
CA LEU A 96 -5.25 -9.51 -7.27
C LEU A 96 -6.38 -10.31 -7.88
N THR A 97 -6.75 -11.37 -7.20
CA THR A 97 -7.98 -12.10 -7.51
C THR A 97 -8.89 -11.98 -6.30
N ILE A 98 -10.14 -11.54 -6.53
CA ILE A 98 -11.14 -11.41 -5.48
C ILE A 98 -12.48 -11.85 -6.06
N LYS A 99 -13.09 -12.86 -5.45
CA LYS A 99 -14.25 -13.52 -6.03
C LYS A 99 -14.01 -13.73 -7.52
N ASP A 100 -14.76 -13.04 -8.37
CA ASP A 100 -14.69 -13.23 -9.81
C ASP A 100 -13.98 -12.10 -10.54
N ASP A 101 -13.25 -11.26 -9.81
CA ASP A 101 -12.58 -10.10 -10.38
C ASP A 101 -11.08 -10.30 -10.29
N THR A 102 -10.38 -9.84 -11.33
CA THR A 102 -8.93 -9.91 -11.41
C THR A 102 -8.37 -8.51 -11.63
N ILE A 103 -7.43 -8.11 -10.78
CA ILE A 103 -6.82 -6.79 -10.84
C ILE A 103 -5.32 -6.94 -11.02
N TYR A 104 -4.78 -6.28 -12.04
CA TYR A 104 -3.35 -6.31 -12.34
C TYR A 104 -2.86 -4.88 -12.22
N LEU A 105 -1.91 -4.64 -11.32
CA LEU A 105 -1.40 -3.31 -11.06
C LEU A 105 0.07 -3.25 -11.44
N THR A 106 0.44 -2.20 -12.15
CA THR A 106 1.85 -1.89 -12.35
C THR A 106 2.05 -0.43 -11.99
N ARG A 107 3.31 0.00 -12.13
CA ARG A 107 3.66 1.39 -11.86
C ARG A 107 2.82 2.39 -12.66
N HIS A 108 2.24 1.99 -13.80
CA HIS A 108 1.43 2.88 -14.63
C HIS A 108 0.06 2.34 -15.01
N LEU A 109 -0.22 1.06 -14.82
CA LEU A 109 -1.41 0.45 -15.38
C LEU A 109 -2.33 -0.05 -14.26
N ALA A 110 -3.62 -0.02 -14.54
CA ALA A 110 -4.61 -0.66 -13.70
C ALA A 110 -5.51 -1.41 -14.66
N VAL A 111 -5.55 -2.75 -14.53
CA VAL A 111 -6.27 -3.58 -15.48
C VAL A 111 -7.26 -4.46 -14.72
N LEU A 112 -8.52 -4.39 -15.13
CA LEU A 112 -9.62 -5.04 -14.46
C LEU A 112 -10.22 -6.06 -15.43
N ASN A 113 -10.10 -7.34 -15.09
CA ASN A 113 -10.57 -8.44 -15.92
C ASN A 113 -10.10 -8.29 -17.36
N GLY A 114 -8.81 -8.00 -17.51
CA GLY A 114 -8.20 -7.82 -18.82
C GLY A 114 -8.40 -6.47 -19.46
N ALA A 115 -9.27 -5.63 -18.93
CA ALA A 115 -9.58 -4.34 -19.54
C ALA A 115 -8.79 -3.25 -18.82
N VAL A 116 -8.01 -2.49 -19.60
CA VAL A 116 -7.36 -1.29 -19.06
C VAL A 116 -8.41 -0.27 -18.65
N VAL A 117 -8.26 0.31 -17.45
CA VAL A 117 -9.29 1.16 -16.86
C VAL A 117 -8.69 2.48 -16.41
N SER A 118 -9.50 3.54 -16.49
CA SER A 118 -9.17 4.83 -15.91
C SER A 118 -9.47 4.85 -14.43
N THR A 119 -8.65 5.60 -13.67
CA THR A 119 -8.95 5.72 -12.25
C THR A 119 -9.56 7.09 -11.96
N PRO A 120 -10.43 7.23 -10.95
CA PRO A 120 -10.96 6.18 -10.09
C PRO A 120 -11.87 5.26 -10.87
N HIS A 121 -11.96 4.00 -10.46
CA HIS A 121 -12.88 3.06 -11.08
C HIS A 121 -13.71 2.41 -9.98
N TYR A 122 -15.01 2.62 -10.04
CA TYR A 122 -15.98 2.04 -9.13
C TYR A 122 -16.76 0.94 -9.84
N SER A 123 -16.92 -0.19 -9.17
CA SER A 123 -17.74 -1.30 -9.65
C SER A 123 -18.33 -1.94 -8.38
N PRO A 124 -19.21 -3.00 -8.50
CA PRO A 124 -19.89 -3.51 -7.29
C PRO A 124 -18.95 -3.97 -6.18
N GLY A 125 -18.89 -3.19 -5.11
CA GLY A 125 -18.07 -3.57 -3.99
C GLY A 125 -16.59 -3.64 -4.29
N LEU A 126 -16.13 -2.79 -5.21
CA LEU A 126 -14.72 -2.68 -5.55
C LEU A 126 -14.43 -1.26 -6.02
N LEU A 127 -13.45 -0.61 -5.41
CA LEU A 127 -13.06 0.74 -5.77
C LEU A 127 -11.55 0.73 -5.98
N ILE A 128 -11.11 1.12 -7.18
CA ILE A 128 -9.70 1.31 -7.48
C ILE A 128 -9.48 2.80 -7.62
N GLU A 129 -8.54 3.35 -6.85
CA GLU A 129 -8.28 4.78 -6.95
C GLU A 129 -6.78 5.04 -6.80
N LYS A 130 -6.35 6.15 -7.41
CA LYS A 130 -4.94 6.48 -7.58
C LYS A 130 -4.73 7.89 -7.09
N SER A 131 -3.85 8.03 -6.11
CA SER A 131 -3.39 9.29 -5.59
C SER A 131 -1.96 9.50 -6.07
N ASP A 132 -1.34 10.61 -5.67
CA ASP A 132 0.09 10.77 -5.96
C ASP A 132 0.97 10.00 -4.99
N ALA A 133 0.42 9.50 -3.89
CA ALA A 133 1.16 8.76 -2.88
C ALA A 133 0.94 7.26 -2.97
N TYR A 134 -0.20 6.82 -3.48
CA TYR A 134 -0.57 5.42 -3.39
C TYR A 134 -1.53 5.07 -4.52
N THR A 135 -1.40 3.84 -5.03
CA THR A 135 -2.53 3.17 -5.68
C THR A 135 -3.22 2.34 -4.59
N LYS A 136 -4.55 2.40 -4.55
CA LYS A 136 -5.33 1.77 -3.49
C LYS A 136 -6.46 0.94 -4.09
N VAL A 137 -6.67 -0.25 -3.52
CA VAL A 137 -7.76 -1.14 -3.88
C VAL A 137 -8.59 -1.40 -2.63
N TYR A 138 -9.91 -1.28 -2.77
CA TYR A 138 -10.88 -1.43 -1.69
C TYR A 138 -11.93 -2.43 -2.11
N SER A 139 -12.12 -3.48 -1.31
CA SER A 139 -13.05 -4.57 -1.63
C SER A 139 -14.04 -4.73 -0.48
N ARG A 140 -15.32 -4.90 -0.81
CA ARG A 140 -16.32 -5.19 0.21
CA ARG A 140 -16.32 -5.20 0.20
C ARG A 140 -16.26 -6.63 0.69
N ALA A 141 -15.31 -7.43 0.18
CA ALA A 141 -15.09 -8.79 0.63
C ALA A 141 -14.19 -8.88 1.85
N GLY A 142 -13.70 -7.75 2.35
CA GLY A 142 -12.96 -7.75 3.60
C GLY A 142 -11.49 -7.49 3.41
N LEU A 143 -11.15 -6.65 2.43
CA LEU A 143 -9.78 -6.55 1.95
C LEU A 143 -9.50 -5.14 1.45
N THR A 144 -8.37 -4.57 1.86
CA THR A 144 -7.89 -3.29 1.35
C THR A 144 -6.40 -3.40 1.06
N LEU A 145 -5.96 -2.80 -0.05
CA LEU A 145 -4.57 -2.89 -0.48
C LEU A 145 -4.05 -1.51 -0.88
N MET A 146 -2.83 -1.19 -0.45
CA MET A 146 -2.20 0.09 -0.71
C MET A 146 -0.73 -0.10 -1.13
N TRP A 147 -0.37 0.47 -2.29
CA TRP A 147 0.98 0.39 -2.86
C TRP A 147 1.43 1.79 -3.27
N ASN A 148 2.65 2.19 -2.87
CA ASN A 148 3.18 3.50 -3.24
C ASN A 148 3.79 3.50 -4.64
N ARG A 149 3.61 2.39 -5.36
CA ARG A 149 4.09 2.22 -6.72
C ARG A 149 5.61 2.15 -6.78
N GLU A 150 6.25 1.94 -5.63
CA GLU A 150 7.67 1.68 -5.55
C GLU A 150 7.93 0.48 -4.64
N ASP A 151 8.52 0.71 -3.46
CA ASP A 151 8.97 -0.34 -2.54
C ASP A 151 7.91 -0.82 -1.55
N ALA A 152 7.00 0.06 -1.13
CA ALA A 152 6.17 -0.19 0.04
C ALA A 152 4.78 -0.67 -0.39
N LEU A 153 4.39 -1.82 0.11
CA LEU A 153 3.12 -2.44 -0.22
C LEU A 153 2.51 -2.98 1.07
N MET A 154 1.19 -2.95 1.16
CA MET A 154 0.55 -3.16 2.45
C MET A 154 -0.88 -3.66 2.29
N LEU A 155 -1.24 -4.69 3.07
CA LEU A 155 -2.54 -5.34 2.94
C LEU A 155 -3.22 -5.44 4.30
N GLU A 156 -4.40 -4.80 4.43
CA GLU A 156 -5.29 -4.92 5.58
C GLU A 156 -6.34 -5.98 5.31
N LEU A 157 -6.56 -6.91 6.25
CA LEU A 157 -7.65 -7.88 6.08
C LEU A 157 -8.63 -7.87 7.24
N ASP A 158 -9.87 -8.20 6.90
CA ASP A 158 -10.97 -8.33 7.86
C ASP A 158 -10.71 -9.49 8.81
N THR A 159 -11.22 -9.37 10.05
CA THR A 159 -10.92 -10.38 11.06
C THR A 159 -11.49 -11.75 10.70
N LYS A 160 -12.54 -11.79 9.88
CA LYS A 160 -13.10 -13.07 9.45
C LYS A 160 -12.09 -13.98 8.78
N PHE A 161 -10.95 -13.46 8.31
CA PHE A 161 -9.89 -14.25 7.67
C PHE A 161 -8.82 -14.73 8.64
N ARG A 162 -9.05 -14.61 9.95
CA ARG A 162 -8.11 -15.19 10.90
C ARG A 162 -8.00 -16.70 10.67
N ASN A 163 -6.78 -17.21 10.70
CA ASN A 163 -6.53 -18.65 10.50
C ASN A 163 -6.87 -19.13 9.09
N HIS A 164 -6.89 -18.25 8.10
CA HIS A 164 -7.38 -18.61 6.77
C HIS A 164 -6.33 -18.45 5.69
N THR A 165 -5.15 -17.92 6.01
CA THR A 165 -4.27 -17.30 5.03
C THR A 165 -2.94 -18.04 4.84
N CYS A 166 -2.50 -18.04 3.60
CA CYS A 166 -1.23 -18.60 3.15
C CYS A 166 -0.38 -17.47 2.57
N GLY A 167 0.93 -17.68 2.55
CA GLY A 167 1.84 -16.84 1.79
C GLY A 167 2.84 -16.16 2.70
N LEU A 168 3.60 -15.24 2.11
CA LEU A 168 4.61 -14.52 2.87
C LEU A 168 4.05 -13.77 4.07
N CYS A 169 2.74 -13.49 4.11
CA CYS A 169 2.13 -12.74 5.20
CA CYS A 169 2.15 -12.74 5.21
C CYS A 169 1.75 -13.61 6.40
N GLY A 170 1.90 -14.92 6.32
CA GLY A 170 1.71 -15.77 7.49
C GLY A 170 0.33 -16.40 7.61
N ASP A 171 0.10 -17.01 8.75
CA ASP A 171 -1.15 -17.73 8.95
C ASP A 171 -2.21 -16.91 9.68
N TYR A 172 -1.90 -15.67 10.11
CA TYR A 172 -2.89 -14.77 10.68
C TYR A 172 -3.64 -15.46 11.82
N ASN A 173 -2.85 -16.05 12.74
CA ASN A 173 -3.37 -16.86 13.83
C ASN A 173 -3.07 -16.31 15.22
N GLY A 174 -2.29 -15.24 15.34
CA GLY A 174 -2.04 -14.61 16.62
C GLY A 174 -0.82 -15.11 17.36
N LEU A 175 0.18 -15.63 16.65
CA LEU A 175 1.36 -16.20 17.30
C LEU A 175 2.56 -16.09 16.36
N GLN A 176 3.73 -15.81 16.94
CA GLN A 176 4.90 -15.41 16.17
C GLN A 176 5.89 -16.55 15.97
N SER A 177 6.83 -16.33 15.04
CA SER A 177 7.85 -17.34 14.72
C SER A 177 8.62 -17.76 15.97
N TYR A 178 9.15 -16.77 16.70
CA TYR A 178 9.99 -17.07 17.86
C TYR A 178 9.27 -17.94 18.88
N SER A 179 7.94 -17.94 18.86
CA SER A 179 7.11 -18.54 19.90
C SER A 179 6.63 -19.96 19.53
N GLU A 180 7.19 -20.59 18.50
CA GLU A 180 6.50 -21.70 17.85
C GLU A 180 7.49 -22.63 17.15
N PHE A 181 7.11 -23.90 17.03
CA PHE A 181 7.66 -24.77 15.98
C PHE A 181 6.76 -25.98 15.78
N LEU A 182 6.97 -26.63 14.64
CA LEU A 182 6.13 -27.71 14.12
C LEU A 182 6.63 -29.10 14.53
N SER A 183 5.84 -30.12 14.19
CA SER A 183 6.23 -31.49 14.48
C SER A 183 7.49 -31.89 13.72
N ASP A 184 8.16 -32.92 14.24
CA ASP A 184 9.43 -33.40 13.69
C ASP A 184 10.51 -32.32 13.72
N GLY A 185 10.31 -31.29 14.52
CA GLY A 185 11.26 -30.21 14.67
C GLY A 185 11.49 -29.50 13.35
N VAL A 186 10.41 -29.16 12.65
CA VAL A 186 10.51 -28.45 11.39
C VAL A 186 10.45 -26.95 11.65
N LEU A 187 11.54 -26.26 11.32
CA LEU A 187 11.63 -24.80 11.33
C LEU A 187 11.92 -24.32 9.91
N PHE A 188 11.36 -23.16 9.54
CA PHE A 188 11.60 -22.57 8.22
C PHE A 188 12.36 -21.27 8.43
N SER A 189 13.59 -21.22 7.93
CA SER A 189 14.32 -19.97 7.90
C SER A 189 13.65 -18.99 6.93
N PRO A 190 13.84 -17.68 7.15
CA PRO A 190 13.20 -16.69 6.26
C PRO A 190 13.49 -16.92 4.80
N LEU A 191 14.65 -17.46 4.45
CA LEU A 191 14.96 -17.67 3.05
C LEU A 191 14.14 -18.83 2.48
N GLU A 192 14.00 -19.95 3.20
CA GLU A 192 13.25 -21.06 2.65
C GLU A 192 11.74 -20.89 2.82
N PHE A 193 11.30 -20.15 3.84
CA PHE A 193 9.88 -19.78 3.88
C PHE A 193 9.52 -18.92 2.66
N GLY A 194 10.35 -17.93 2.34
CA GLY A 194 10.08 -17.13 1.15
C GLY A 194 10.08 -17.94 -0.13
N ASN A 195 11.11 -18.80 -0.29
CA ASN A 195 11.22 -19.63 -1.50
C ASN A 195 10.03 -20.55 -1.68
N MET A 196 9.41 -20.99 -0.59
CA MET A 196 8.23 -21.86 -0.65
C MET A 196 7.03 -21.19 -1.28
N GLN A 197 7.01 -19.86 -1.36
CA GLN A 197 5.84 -19.16 -1.85
C GLN A 197 5.92 -18.84 -3.32
N LYS A 198 7.01 -19.25 -3.97
CA LYS A 198 7.26 -18.95 -5.37
C LYS A 198 6.16 -19.51 -6.26
N ILE A 199 5.69 -18.70 -7.21
CA ILE A 199 4.73 -19.12 -8.22
C ILE A 199 5.46 -19.30 -9.54
N ASN A 200 5.51 -20.53 -10.03
CA ASN A 200 6.25 -20.83 -11.24
C ASN A 200 5.42 -20.53 -12.48
N GLN A 201 6.05 -19.89 -13.44
CA GLN A 201 5.43 -19.58 -14.71
C GLN A 201 5.91 -20.57 -15.76
N PRO A 202 5.02 -21.24 -16.48
CA PRO A 202 5.46 -22.13 -17.54
C PRO A 202 6.40 -21.41 -18.49
N ASP A 203 7.56 -22.03 -18.72
CA ASP A 203 8.53 -21.60 -19.72
C ASP A 203 9.18 -20.29 -19.38
N VAL A 204 9.20 -19.91 -18.11
CA VAL A 204 9.96 -18.75 -17.65
C VAL A 204 10.87 -19.20 -16.53
N VAL A 205 12.15 -18.88 -16.64
CA VAL A 205 13.16 -19.27 -15.68
C VAL A 205 13.35 -18.12 -14.71
N CYS A 206 13.32 -18.44 -13.42
CA CYS A 206 13.59 -17.44 -12.40
C CYS A 206 14.11 -18.19 -11.19
N GLU A 207 15.28 -17.78 -10.70
CA GLU A 207 16.02 -18.53 -9.70
C GLU A 207 15.89 -17.90 -8.33
N ASP A 208 15.78 -18.75 -7.32
CA ASP A 208 15.80 -18.29 -5.95
C ASP A 208 17.12 -17.60 -5.65
N PRO A 209 17.18 -16.81 -4.58
CA PRO A 209 18.46 -16.26 -4.14
C PRO A 209 19.30 -17.30 -3.43
N GLU A 210 20.61 -17.07 -3.45
CA GLU A 210 21.54 -17.99 -2.82
C GLU A 210 21.66 -17.68 -1.33
N GLU A 211 21.85 -18.73 -0.53
CA GLU A 211 22.00 -18.57 0.90
C GLU A 211 23.05 -17.49 1.20
N GLU A 212 22.68 -16.53 2.02
CA GLU A 212 23.53 -15.36 2.16
C GLU A 212 24.77 -15.70 2.99
N VAL A 213 25.93 -15.40 2.43
CA VAL A 213 27.20 -15.65 3.09
C VAL A 213 27.34 -14.69 4.27
N ALA A 214 27.63 -15.26 5.45
CA ALA A 214 27.92 -14.54 6.68
C ALA A 214 26.97 -13.36 6.88
N PRO A 215 25.72 -13.58 7.29
CA PRO A 215 24.80 -12.46 7.49
C PRO A 215 25.12 -11.63 8.73
N ALA A 216 26.02 -10.65 8.59
CA ALA A 216 26.50 -9.89 9.74
C ALA A 216 25.39 -9.06 10.37
N SER A 217 25.25 -9.17 11.69
CA SER A 217 24.17 -8.52 12.45
C SER A 217 24.67 -7.16 12.92
N CYS A 218 24.52 -6.16 12.05
CA CYS A 218 25.05 -4.83 12.26
C CYS A 218 24.54 -4.24 13.58
N SER A 219 25.41 -4.25 14.58
CA SER A 219 25.04 -3.90 15.94
C SER A 219 25.56 -2.55 16.39
N GLU A 220 26.37 -1.88 15.57
CA GLU A 220 27.08 -0.67 15.95
C GLU A 220 26.35 0.61 15.57
N HIS A 221 25.22 0.51 14.86
CA HIS A 221 24.47 1.68 14.47
C HIS A 221 23.21 1.86 15.31
N ARG A 222 23.02 1.02 16.32
CA ARG A 222 21.79 1.04 17.10
C ARG A 222 21.55 2.40 17.73
N ALA A 223 22.61 3.11 18.10
CA ALA A 223 22.43 4.44 18.68
C ALA A 223 21.65 5.33 17.72
N GLU A 224 22.18 5.52 16.50
CA GLU A 224 21.52 6.40 15.54
C GLU A 224 20.09 5.98 15.26
N CYS A 225 19.88 4.68 15.01
CA CYS A 225 18.54 4.18 14.69
C CYS A 225 17.56 4.44 15.83
N GLU A 226 17.91 4.04 17.05
CA GLU A 226 17.02 4.30 18.18
C GLU A 226 16.82 5.79 18.38
N ARG A 227 17.85 6.60 18.11
CA ARG A 227 17.71 8.05 18.13
C ARG A 227 16.57 8.49 17.22
N LEU A 228 16.38 7.80 16.10
CA LEU A 228 15.42 8.22 15.08
C LEU A 228 14.00 7.75 15.38
N LEU A 229 13.84 6.50 15.84
CA LEU A 229 12.53 5.96 16.15
C LEU A 229 12.04 6.34 17.55
N THR A 230 12.81 7.16 18.28
CA THR A 230 12.42 7.69 19.57
C THR A 230 12.10 9.18 19.52
N ALA A 231 12.31 9.83 18.39
CA ALA A 231 12.18 11.28 18.28
C ALA A 231 10.81 11.74 18.74
N GLU A 232 10.68 13.03 19.06
CA GLU A 232 9.42 13.51 19.63
C GLU A 232 8.24 13.25 18.71
N ALA A 233 8.49 12.99 17.42
CA ALA A 233 7.41 12.80 16.46
C ALA A 233 6.67 11.49 16.68
N PHE A 234 7.34 10.48 17.24
CA PHE A 234 6.72 9.19 17.52
C PHE A 234 6.35 9.03 18.99
N ALA A 235 6.09 10.14 19.68
CA ALA A 235 5.65 10.07 21.07
C ALA A 235 4.45 9.14 21.22
N ASP A 236 3.40 9.39 20.43
CA ASP A 236 2.17 8.59 20.49
C ASP A 236 2.39 7.14 20.08
N CYS A 237 3.46 6.85 19.35
CA CYS A 237 3.60 5.54 18.74
C CYS A 237 4.35 4.54 19.62
N GLN A 238 5.05 5.00 20.66
CA GLN A 238 5.90 4.10 21.42
C GLN A 238 5.11 3.00 22.12
N ASP A 239 3.83 3.24 22.40
CA ASP A 239 2.99 2.27 23.10
C ASP A 239 2.01 1.55 22.17
N LEU A 240 2.15 1.72 20.86
CA LEU A 240 1.26 1.08 19.90
C LEU A 240 1.96 0.11 18.97
N VAL A 241 3.21 0.40 18.59
CA VAL A 241 3.96 -0.40 17.64
C VAL A 241 5.23 -0.87 18.33
N PRO A 242 5.55 -2.17 18.32
CA PRO A 242 6.75 -2.64 19.01
C PRO A 242 7.99 -2.15 18.29
N LEU A 243 8.86 -1.49 19.03
CA LEU A 243 10.01 -0.80 18.45
C LEU A 243 11.13 -1.73 18.01
N GLU A 244 11.27 -2.90 18.62
CA GLU A 244 12.46 -3.74 18.40
C GLU A 244 12.60 -4.29 16.98
N PRO A 245 11.55 -4.81 16.34
CA PRO A 245 11.72 -5.30 14.96
C PRO A 245 12.20 -4.23 14.00
N TYR A 246 11.73 -2.99 14.15
CA TYR A 246 12.09 -1.94 13.20
C TYR A 246 13.51 -1.47 13.42
N LEU A 247 14.02 -1.52 14.66
CA LEU A 247 15.42 -1.19 14.90
C LEU A 247 16.35 -2.14 14.18
N ARG A 248 16.16 -3.45 14.37
CA ARG A 248 17.05 -4.42 13.74
C ARG A 248 17.00 -4.30 12.22
N ALA A 249 15.81 -4.00 11.67
CA ALA A 249 15.71 -3.74 10.25
C ALA A 249 16.45 -2.47 9.88
N CYS A 250 16.51 -1.51 10.80
CA CYS A 250 17.17 -0.23 10.56
C CYS A 250 18.69 -0.37 10.64
N GLN A 251 19.17 -1.24 11.55
CA GLN A 251 20.59 -1.59 11.56
C GLN A 251 20.97 -2.32 10.28
N GLN A 252 20.12 -3.24 9.82
CA GLN A 252 20.39 -3.93 8.57
CA GLN A 252 20.38 -3.93 8.56
C GLN A 252 20.49 -2.95 7.40
N ASP A 253 19.63 -1.92 7.38
CA ASP A 253 19.67 -0.95 6.29
C ASP A 253 20.99 -0.17 6.28
N ARG A 254 21.47 0.23 7.45
CA ARG A 254 22.64 1.10 7.53
C ARG A 254 23.91 0.43 7.01
N CYS A 255 23.96 -0.91 7.03
CA CYS A 255 25.16 -1.63 6.59
C CYS A 255 25.00 -2.37 5.27
N ARG A 256 23.79 -2.75 4.88
CA ARG A 256 23.61 -3.31 3.55
C ARG A 256 23.43 -2.22 2.49
N CYS A 257 23.00 -1.03 2.89
CA CYS A 257 22.82 0.10 1.98
C CYS A 257 23.77 1.22 2.42
N PRO A 258 25.06 1.07 2.19
CA PRO A 258 26.04 1.99 2.78
C PRO A 258 26.17 3.31 2.05
N GLY A 259 25.65 3.41 0.82
CA GLY A 259 25.75 4.64 0.05
C GLY A 259 25.16 5.83 0.75
N GLY A 260 23.85 5.84 0.91
CA GLY A 260 23.14 6.97 1.46
C GLY A 260 22.12 6.53 2.49
N ASP A 261 20.97 7.21 2.48
CA ASP A 261 19.93 7.01 3.47
C ASP A 261 18.64 6.47 2.88
N THR A 262 18.65 6.06 1.60
CA THR A 262 17.41 5.62 0.95
C THR A 262 16.76 4.47 1.69
N CYS A 263 17.55 3.49 2.15
CA CYS A 263 16.98 2.30 2.78
C CYS A 263 16.46 2.62 4.17
N VAL A 264 17.27 3.29 4.99
CA VAL A 264 16.87 3.49 6.37
C VAL A 264 15.71 4.46 6.47
N CYS A 265 15.44 5.25 5.44
CA CYS A 265 14.24 6.07 5.51
C CYS A 265 12.99 5.34 5.05
N SER A 266 13.13 4.26 4.26
CA SER A 266 11.98 3.37 4.03
C SER A 266 11.52 2.76 5.35
N THR A 267 12.47 2.46 6.24
CA THR A 267 12.16 1.80 7.49
C THR A 267 11.58 2.76 8.51
N VAL A 268 12.05 4.01 8.53
CA VAL A 268 11.39 5.00 9.36
C VAL A 268 10.00 5.32 8.82
N ALA A 269 9.87 5.44 7.50
CA ALA A 269 8.53 5.61 6.94
C ALA A 269 7.62 4.48 7.35
N GLU A 270 8.13 3.25 7.35
CA GLU A 270 7.30 2.09 7.68
C GLU A 270 6.89 2.12 9.15
N PHE A 271 7.80 2.53 10.03
CA PHE A 271 7.41 2.73 11.43
C PHE A 271 6.29 3.75 11.55
N SER A 272 6.44 4.91 10.91
CA SER A 272 5.35 5.87 10.82
C SER A 272 4.06 5.23 10.33
N ARG A 273 4.14 4.48 9.21
CA ARG A 273 2.94 3.83 8.66
C ARG A 273 2.34 2.85 9.65
N GLN A 274 3.16 2.07 10.36
CA GLN A 274 2.61 1.11 11.31
C GLN A 274 1.89 1.80 12.45
N CYS A 275 2.42 2.94 12.90
CA CYS A 275 1.74 3.72 13.92
C CYS A 275 0.35 4.12 13.45
N SER A 276 0.27 4.73 12.26
CA SER A 276 -1.02 5.17 11.74
CA SER A 276 -1.02 5.18 11.73
C SER A 276 -2.00 4.02 11.61
N HIS A 277 -1.55 2.88 11.08
CA HIS A 277 -2.47 1.74 10.94
C HIS A 277 -2.86 1.11 12.27
N ALA A 278 -2.16 1.43 13.35
CA ALA A 278 -2.53 0.96 14.68
C ALA A 278 -3.34 1.99 15.47
N GLY A 279 -3.94 2.98 14.78
CA GLY A 279 -4.78 3.98 15.42
C GLY A 279 -4.09 5.23 15.94
N GLY A 280 -2.77 5.31 15.83
CA GLY A 280 -2.02 6.43 16.35
C GLY A 280 -1.77 7.52 15.32
N ARG A 281 -1.11 8.58 15.78
CA ARG A 281 -0.86 9.78 14.98
C ARG A 281 0.62 10.14 15.07
N PRO A 282 1.44 9.66 14.13
CA PRO A 282 2.82 10.14 14.07
C PRO A 282 2.83 11.62 13.69
N GLY A 283 3.90 12.29 14.09
CA GLY A 283 4.12 13.67 13.70
C GLY A 283 5.04 13.76 12.49
N ASN A 284 5.34 15.00 12.12
CA ASN A 284 6.18 15.25 10.95
C ASN A 284 7.64 15.11 11.39
N TRP A 285 8.26 13.99 11.01
CA TRP A 285 9.62 13.67 11.41
C TRP A 285 10.65 14.01 10.36
N ARG A 286 10.23 14.37 9.14
CA ARG A 286 11.16 14.61 8.05
C ARG A 286 11.60 16.07 8.06
N THR A 287 12.85 16.29 7.60
CA THR A 287 13.44 17.61 7.52
C THR A 287 14.19 17.74 6.20
N ALA A 288 14.77 18.92 5.98
CA ALA A 288 15.48 19.21 4.74
C ALA A 288 16.65 18.26 4.52
N THR A 289 17.33 17.88 5.60
CA THR A 289 18.45 16.95 5.54
C THR A 289 18.06 15.53 5.92
N LEU A 290 17.11 15.37 6.86
CA LEU A 290 16.64 14.05 7.29
C LEU A 290 15.48 13.64 6.39
N CYS A 291 15.82 13.22 5.18
CA CYS A 291 14.92 12.56 4.24
C CYS A 291 13.76 13.42 3.81
N PRO A 292 14.02 14.45 3.03
CA PRO A 292 12.94 15.30 2.54
C PRO A 292 11.99 14.50 1.67
N LYS A 293 10.71 14.82 1.74
CA LYS A 293 9.73 14.26 0.83
C LYS A 293 8.73 15.34 0.46
N THR A 294 8.62 15.64 -0.82
CA THR A 294 7.77 16.71 -1.33
C THR A 294 6.79 16.14 -2.35
N CYS A 295 5.72 16.90 -2.61
CA CYS A 295 4.68 16.51 -3.55
C CYS A 295 4.68 17.45 -4.74
N PRO A 296 4.13 17.03 -5.89
CA PRO A 296 4.11 17.91 -7.06
C PRO A 296 3.12 19.05 -6.91
N GLY A 297 3.36 20.10 -7.68
CA GLY A 297 2.48 21.24 -7.67
C GLY A 297 2.40 21.84 -6.28
N ASN A 298 1.19 22.23 -5.90
CA ASN A 298 0.95 22.81 -4.58
C ASN A 298 0.37 21.79 -3.59
N LEU A 299 0.68 20.52 -3.77
CA LEU A 299 0.28 19.48 -2.83
C LEU A 299 1.17 19.52 -1.60
N VAL A 300 0.59 19.15 -0.46
CA VAL A 300 1.24 19.20 0.84
C VAL A 300 1.43 17.77 1.34
N TYR A 301 2.63 17.43 1.78
CA TYR A 301 2.90 16.12 2.36
C TYR A 301 2.66 16.17 3.87
N LEU A 302 1.76 15.31 4.34
CA LEU A 302 1.42 15.19 5.76
C LEU A 302 1.66 13.75 6.18
N GLU A 303 2.38 13.55 7.29
CA GLU A 303 2.54 12.21 7.84
C GLU A 303 1.22 11.61 8.31
N SER A 304 0.18 12.44 8.48
CA SER A 304 -1.10 11.94 8.98
C SER A 304 -2.16 13.00 8.65
N GLY A 305 -2.87 12.81 7.53
CA GLY A 305 -4.01 13.63 7.17
C GLY A 305 -5.27 12.79 7.03
N SER A 306 -6.36 13.46 6.66
CA SER A 306 -7.66 12.83 6.57
C SER A 306 -7.63 11.64 5.61
N PRO A 307 -8.41 10.59 5.88
CA PRO A 307 -8.55 9.51 4.91
C PRO A 307 -9.51 9.82 3.77
N CYS A 308 -10.09 11.01 3.77
CA CYS A 308 -11.22 11.36 2.91
C CYS A 308 -11.11 12.82 2.52
N MET A 309 -10.71 13.06 1.30
CA MET A 309 -10.70 14.40 0.76
C MET A 309 -11.71 14.49 -0.37
N ASP A 310 -12.22 15.70 -0.58
CA ASP A 310 -13.01 15.93 -1.77
C ASP A 310 -12.10 15.84 -3.00
N THR A 311 -12.68 15.35 -4.08
CA THR A 311 -12.00 15.15 -5.35
C THR A 311 -12.96 15.54 -6.44
N CYS A 312 -12.42 15.75 -7.63
CA CYS A 312 -13.27 16.13 -8.77
C CYS A 312 -14.32 15.05 -9.05
N SER A 313 -13.96 13.78 -8.89
CA SER A 313 -14.90 12.68 -9.07
C SER A 313 -15.94 12.58 -7.95
N HIS A 314 -15.58 13.01 -6.74
CA HIS A 314 -16.47 12.95 -5.56
C HIS A 314 -16.83 11.51 -5.18
N LEU A 315 -15.95 10.54 -5.47
CA LEU A 315 -16.25 9.14 -5.17
C LEU A 315 -15.93 8.74 -3.73
N GLU A 316 -15.16 9.53 -2.98
CA GLU A 316 -14.76 9.17 -1.62
C GLU A 316 -15.83 9.62 -0.62
N VAL A 317 -16.93 8.86 -0.57
CA VAL A 317 -18.06 9.18 0.29
C VAL A 317 -18.48 8.03 1.19
N SER A 318 -17.82 6.88 1.08
CA SER A 318 -18.16 5.73 1.89
C SER A 318 -17.69 5.94 3.34
N SER A 319 -17.97 4.93 4.18
CA SER A 319 -17.60 4.96 5.59
C SER A 319 -16.10 4.85 5.81
N LEU A 320 -15.31 4.66 4.75
CA LEU A 320 -13.86 4.77 4.85
C LEU A 320 -13.43 6.13 5.42
N CYS A 321 -14.29 7.15 5.32
CA CYS A 321 -14.01 8.45 5.95
C CYS A 321 -13.91 8.40 7.47
N GLU A 322 -14.44 7.35 8.12
CA GLU A 322 -14.33 7.17 9.57
C GLU A 322 -13.10 6.36 10.00
N GLU A 323 -12.26 5.93 9.07
CA GLU A 323 -11.08 5.14 9.43
C GLU A 323 -9.97 6.05 9.94
N HIS A 324 -8.83 5.45 10.29
CA HIS A 324 -7.69 6.18 10.82
C HIS A 324 -7.06 7.04 9.74
N ARG A 325 -6.26 8.03 10.18
CA ARG A 325 -5.54 8.95 9.32
C ARG A 325 -4.29 8.28 8.75
N MET A 326 -3.79 8.83 7.63
CA MET A 326 -2.68 8.23 6.88
C MET A 326 -1.81 9.31 6.24
N ASP A 327 -0.60 8.93 5.89
CA ASP A 327 0.31 9.84 5.20
C ASP A 327 -0.10 10.00 3.74
N GLY A 328 0.40 11.07 3.13
CA GLY A 328 0.16 11.27 1.70
C GLY A 328 0.29 12.72 1.30
N CYS A 329 -0.31 13.02 0.15
CA CYS A 329 -0.31 14.34 -0.47
C CYS A 329 -1.72 14.91 -0.41
N PHE A 330 -1.85 16.11 0.14
CA PHE A 330 -3.16 16.71 0.37
C PHE A 330 -3.20 18.11 -0.22
N CYS A 331 -4.38 18.49 -0.69
CA CYS A 331 -4.64 19.76 -1.35
C CYS A 331 -4.86 20.86 -0.30
N PRO A 332 -4.39 22.07 -0.58
CA PRO A 332 -4.68 23.19 0.33
C PRO A 332 -6.16 23.48 0.44
N GLU A 333 -6.52 24.10 1.56
CA GLU A 333 -7.91 24.43 1.81
C GLU A 333 -8.45 25.30 0.67
N GLY A 334 -9.67 24.97 0.21
CA GLY A 334 -10.27 25.64 -0.92
C GLY A 334 -10.09 24.96 -2.26
N THR A 335 -9.25 23.94 -2.37
CA THR A 335 -9.05 23.24 -3.62
C THR A 335 -9.42 21.78 -3.44
N VAL A 336 -9.74 21.09 -4.55
CA VAL A 336 -9.98 19.66 -4.54
C VAL A 336 -8.97 18.96 -5.45
N TYR A 337 -8.68 17.71 -5.10
CA TYR A 337 -7.77 16.91 -5.91
C TYR A 337 -8.46 16.47 -7.19
N ASP A 338 -7.83 16.76 -8.34
CA ASP A 338 -8.37 16.44 -9.65
C ASP A 338 -7.88 15.06 -10.08
N ASP A 339 -8.66 14.05 -9.68
CA ASP A 339 -8.44 12.67 -10.07
C ASP A 339 -9.05 12.33 -11.43
N ILE A 340 -9.51 13.32 -12.19
CA ILE A 340 -10.10 13.08 -13.49
C ILE A 340 -9.18 13.57 -14.62
N GLY A 341 -8.76 14.81 -14.57
CA GLY A 341 -7.91 15.39 -15.58
C GLY A 341 -6.51 15.65 -15.09
N ASP A 342 -6.13 15.12 -13.92
CA ASP A 342 -4.74 15.07 -13.48
C ASP A 342 -4.06 16.44 -13.54
N SER A 343 -4.80 17.51 -13.27
CA SER A 343 -4.19 18.83 -13.27
C SER A 343 -3.91 19.36 -11.86
N GLY A 344 -3.75 18.47 -10.87
CA GLY A 344 -3.36 18.86 -9.52
C GLY A 344 -4.49 19.29 -8.60
N CYS A 345 -4.26 20.34 -7.79
CA CYS A 345 -5.26 20.84 -6.84
C CYS A 345 -5.96 22.07 -7.42
N VAL A 346 -7.24 21.92 -7.76
CA VAL A 346 -7.99 22.97 -8.46
C VAL A 346 -9.19 23.36 -7.60
N PRO A 347 -9.74 24.55 -7.83
CA PRO A 347 -11.07 24.85 -7.26
C PRO A 347 -12.12 23.96 -7.88
N VAL A 348 -13.07 23.53 -7.04
CA VAL A 348 -14.05 22.53 -7.47
C VAL A 348 -14.81 22.98 -8.70
N SER A 349 -14.97 24.29 -8.89
CA SER A 349 -15.73 24.79 -10.03
C SER A 349 -15.02 24.52 -11.35
N GLN A 350 -13.70 24.31 -11.31
CA GLN A 350 -12.88 24.01 -12.47
C GLN A 350 -12.64 22.49 -12.66
N CYS A 351 -13.46 21.63 -12.07
CA CYS A 351 -13.27 20.19 -12.18
C CYS A 351 -13.70 19.67 -13.56
N HIS A 352 -12.91 18.74 -14.11
CA HIS A 352 -13.34 18.02 -15.30
C HIS A 352 -14.41 16.99 -14.93
N CYS A 353 -15.22 16.63 -15.92
CA CYS A 353 -16.12 15.49 -15.82
C CYS A 353 -15.66 14.41 -16.79
N ARG A 354 -16.21 13.20 -16.63
CA ARG A 354 -15.80 12.11 -17.50
C ARG A 354 -16.98 11.20 -17.77
N LEU A 355 -17.07 10.71 -19.00
CA LEU A 355 -18.16 9.84 -19.42
C LEU A 355 -17.72 9.10 -20.66
N HIS A 356 -17.82 7.77 -20.62
CA HIS A 356 -17.48 6.90 -21.75
C HIS A 356 -16.05 7.16 -22.23
N GLY A 357 -15.12 7.27 -21.28
CA GLY A 357 -13.74 7.48 -21.65
C GLY A 357 -13.34 8.88 -22.06
N HIS A 358 -14.28 9.83 -22.08
CA HIS A 358 -14.05 11.18 -22.58
C HIS A 358 -14.03 12.21 -21.46
N LEU A 359 -13.10 13.15 -21.55
CA LEU A 359 -13.01 14.26 -20.60
C LEU A 359 -13.87 15.43 -21.05
N TYR A 360 -14.38 16.16 -20.07
CA TYR A 360 -15.23 17.32 -20.32
C TYR A 360 -14.83 18.41 -19.35
N THR A 361 -14.92 19.64 -19.85
CA THR A 361 -14.64 20.88 -19.12
C THR A 361 -15.92 21.39 -18.48
N PRO A 362 -15.82 22.19 -17.42
CA PRO A 362 -17.04 22.76 -16.81
C PRO A 362 -17.80 23.61 -17.82
N GLY A 363 -19.08 23.28 -18.02
CA GLY A 363 -19.88 23.97 -19.01
C GLY A 363 -20.39 23.11 -20.14
N GLN A 364 -19.52 22.25 -20.70
CA GLN A 364 -19.92 21.37 -21.79
C GLN A 364 -21.14 20.54 -21.42
N GLU A 365 -22.04 20.35 -22.38
CA GLU A 365 -23.30 19.66 -22.15
C GLU A 365 -23.38 18.43 -23.04
N ILE A 366 -24.13 17.42 -22.60
CA ILE A 366 -24.22 16.14 -23.28
C ILE A 366 -25.67 15.66 -23.25
N THR A 367 -26.08 14.94 -24.29
CA THR A 367 -27.43 14.41 -24.40
C THR A 367 -27.40 12.88 -24.38
N ASN A 368 -28.23 12.29 -23.51
CA ASN A 368 -28.58 10.88 -23.65
C ASN A 368 -29.96 10.78 -24.29
N ASP A 369 -30.98 10.53 -23.46
CA ASP A 369 -32.35 10.32 -23.90
C ASP A 369 -33.23 11.54 -23.62
N CYS A 370 -34.15 11.42 -22.67
CA CYS A 370 -34.95 12.54 -22.19
C CYS A 370 -34.30 13.31 -21.05
N GLU A 371 -32.97 13.45 -21.08
CA GLU A 371 -32.27 14.37 -20.20
C GLU A 371 -31.02 14.90 -20.90
N GLN A 372 -30.78 16.20 -20.77
CA GLN A 372 -29.52 16.78 -21.21
C GLN A 372 -28.76 17.27 -19.99
N CYS A 373 -27.49 16.89 -19.92
CA CYS A 373 -26.68 17.00 -18.73
C CYS A 373 -25.54 17.98 -18.96
N VAL A 374 -25.25 18.78 -17.93
CA VAL A 374 -24.18 19.77 -17.99
C VAL A 374 -23.17 19.43 -16.91
N CYS A 375 -21.89 19.54 -17.26
CA CYS A 375 -20.80 19.31 -16.33
C CYS A 375 -20.62 20.54 -15.44
N ASN A 376 -20.98 20.39 -14.17
CA ASN A 376 -20.93 21.48 -13.20
C ASN A 376 -20.24 20.98 -11.93
N ALA A 377 -19.12 21.60 -11.57
CA ALA A 377 -18.42 21.32 -10.32
C ALA A 377 -18.04 19.84 -10.18
N GLY A 378 -17.70 19.23 -11.30
CA GLY A 378 -17.32 17.84 -11.33
C GLY A 378 -18.45 16.84 -11.35
N ARG A 379 -19.71 17.27 -11.34
CA ARG A 379 -20.85 16.38 -11.38
CA ARG A 379 -20.85 16.38 -11.38
C ARG A 379 -21.64 16.61 -12.66
N TRP A 380 -22.43 15.60 -13.04
CA TRP A 380 -23.32 15.70 -14.19
C TRP A 380 -24.71 16.07 -13.68
N VAL A 381 -25.09 17.34 -13.80
CA VAL A 381 -26.41 17.81 -13.37
C VAL A 381 -27.34 17.81 -14.58
N CYS A 382 -28.49 17.13 -14.44
CA CYS A 382 -29.34 16.78 -15.57
C CYS A 382 -30.76 17.27 -15.34
N LYS A 383 -31.30 18.04 -16.29
CA LYS A 383 -32.72 18.38 -16.32
C LYS A 383 -33.42 17.46 -17.30
N ASP A 384 -34.60 16.99 -16.93
CA ASP A 384 -35.34 16.03 -17.74
C ASP A 384 -35.98 16.72 -18.94
N LEU A 385 -36.21 15.94 -20.00
CA LEU A 385 -36.78 16.40 -21.26
C LEU A 385 -37.88 15.45 -21.72
N PRO A 386 -38.67 15.86 -22.71
CA PRO A 386 -39.68 14.94 -23.22
C PRO A 386 -39.06 13.92 -24.16
N CYS A 387 -39.51 12.69 -23.98
CA CYS A 387 -39.18 11.54 -24.80
C CYS A 387 -40.29 11.01 -25.62
#